data_8MHT
#
_entry.id   8MHT
#
_cell.length_a   99.860
_cell.length_b   99.860
_cell.length_c   325.200
_cell.angle_alpha   90.00
_cell.angle_beta   90.00
_cell.angle_gamma   120.00
#
_symmetry.space_group_name_H-M   'H 3 2'
#
loop_
_entity.id
_entity.type
_entity.pdbx_description
1 polymer "5'-D(P*GP*TP*CP*AP*GP*CP*GP*CP*AP*TP*GP*G)-3'"
2 polymer "5'-D(P*CP*CP*AP*TP*GP*UP*GP*CP*TP*GP*AP*C)-3'"
3 polymer 'CYTOSINE-SPECIFIC METHYLTRANSFERASE HHAI'
4 non-polymer S-ADENOSYL-L-HOMOCYSTEINE
5 water water
#
loop_
_entity_poly.entity_id
_entity_poly.type
_entity_poly.pdbx_seq_one_letter_code
_entity_poly.pdbx_strand_id
1 'polydeoxyribonucleotide' (DG)(DT)(DC)(DA)(DG)(DC)(DG)(DC)(DA)(DT)(DG)(DG) C
2 'polydeoxyribonucleotide' (DC)(DC)(DA)(DT)(DG)(DU)(DG)(DC)(DT)(DG)(DA)(DC) D
3 'polypeptide(L)'
;MIEIKDKQLTGLRFIDLFAGLGGFRLALESCGAECVYSNEWDKYAQEVYEMNFGEKPEGDITQVNEKTIPDHDILCAGFP
CQAFSISGKQKGFEDSRGTLFFDIARIVREKKPKVVFMENVKNFASHDNGNTLEVVKNTMNELDYSFHAKVLNALDYGIP
QKRERIYMICFRNDLNIQNFQFPKPFELNTFVKDLLLPDSEVEHLVIDRKDLVMTNQEIEQTTPKTVRLGIVGKGGQGER
IYSTRGIAITLSAYGGGIFAKTGGYLVNGKTRKLHPRECARVMGYPDSYKVHPSTSQAYKQFGNSVVINVLQYIAYNIGS
SLNFKPY
;
A
#
loop_
_chem_comp.id
_chem_comp.type
_chem_comp.name
_chem_comp.formula
DA DNA linking 2'-DEOXYADENOSINE-5'-MONOPHOSPHATE 'C10 H14 N5 O6 P'
DC DNA linking 2'-DEOXYCYTIDINE-5'-MONOPHOSPHATE 'C9 H14 N3 O7 P'
DG DNA linking 2'-DEOXYGUANOSINE-5'-MONOPHOSPHATE 'C10 H14 N5 O7 P'
DT DNA linking THYMIDINE-5'-MONOPHOSPHATE 'C10 H15 N2 O8 P'
DU DNA linking 2'-DEOXYURIDINE-5'-MONOPHOSPHATE 'C9 H13 N2 O8 P'
#
# COMPACT_ATOMS: atom_id res chain seq x y z
N MET C 1 -4.81 6.33 10.42
CA MET C 1 -6.13 6.09 9.79
C MET C 1 -7.24 7.04 10.25
N ILE C 2 -8.28 7.10 9.44
CA ILE C 2 -9.44 7.93 9.66
C ILE C 2 -10.45 7.16 10.51
N GLU C 3 -11.50 7.82 10.96
CA GLU C 3 -12.53 7.14 11.76
C GLU C 3 -13.89 7.13 11.05
N ILE C 4 -14.44 5.94 10.90
CA ILE C 4 -15.70 5.76 10.21
C ILE C 4 -16.83 5.57 11.22
N LYS C 5 -17.81 6.47 11.19
CA LYS C 5 -18.97 6.37 12.09
C LYS C 5 -20.15 5.63 11.44
N ASP C 6 -20.29 5.81 10.13
CA ASP C 6 -21.34 5.16 9.36
C ASP C 6 -20.77 3.86 8.78
N LYS C 7 -20.86 2.77 9.53
CA LYS C 7 -20.31 1.50 9.08
C LYS C 7 -21.03 0.81 7.93
N GLN C 8 -20.76 1.28 6.72
CA GLN C 8 -21.39 0.76 5.51
C GLN C 8 -21.16 -0.72 5.11
N LEU C 9 -20.33 -1.46 5.82
CA LEU C 9 -20.08 -2.85 5.39
C LEU C 9 -20.45 -3.97 6.33
N THR C 10 -21.15 -3.66 7.41
CA THR C 10 -21.52 -4.69 8.37
C THR C 10 -22.18 -5.95 7.80
N GLY C 11 -21.77 -7.10 8.31
CA GLY C 11 -22.35 -8.33 7.84
C GLY C 11 -21.72 -9.02 6.63
N LEU C 12 -20.71 -8.41 6.02
CA LEU C 12 -20.05 -9.02 4.85
C LEU C 12 -18.72 -9.71 5.23
N ARG C 13 -18.27 -10.64 4.42
CA ARG C 13 -17.04 -11.39 4.73
C ARG C 13 -16.02 -11.25 3.60
N PHE C 14 -14.73 -11.30 3.94
CA PHE C 14 -13.66 -11.20 2.94
C PHE C 14 -12.48 -12.10 3.26
N ILE C 15 -11.54 -12.21 2.31
CA ILE C 15 -10.32 -13.00 2.49
C ILE C 15 -9.11 -12.09 2.22
N ASP C 16 -8.01 -12.33 2.92
CA ASP C 16 -6.79 -11.55 2.85
C ASP C 16 -5.62 -12.24 2.13
N LEU C 17 -5.53 -12.10 0.82
CA LEU C 17 -4.45 -12.74 0.07
C LEU C 17 -3.20 -11.85 0.04
N PHE C 18 -2.03 -12.50 0.16
CA PHE C 18 -0.71 -11.82 0.15
C PHE C 18 -0.84 -10.78 1.26
N ALA C 19 -1.22 -11.26 2.44
CA ALA C 19 -1.50 -10.39 3.57
C ALA C 19 -0.49 -9.38 4.06
N GLY C 20 0.76 -9.78 4.19
CA GLY C 20 1.75 -8.85 4.69
C GLY C 20 1.45 -8.44 6.12
N LEU C 21 1.28 -7.16 6.36
CA LEU C 21 1.01 -6.65 7.70
C LEU C 21 -0.46 -6.69 8.03
N GLY C 22 -1.30 -6.82 7.01
CA GLY C 22 -2.73 -6.82 7.22
C GLY C 22 -3.34 -5.47 6.93
N GLY C 23 -2.70 -4.68 6.08
CA GLY C 23 -3.22 -3.37 5.72
C GLY C 23 -4.64 -3.43 5.19
N PHE C 24 -4.96 -4.38 4.32
CA PHE C 24 -6.32 -4.51 3.79
C PHE C 24 -7.33 -4.84 4.90
N ARG C 25 -6.90 -5.56 5.94
CA ARG C 25 -7.79 -5.95 7.05
C ARG C 25 -8.22 -4.76 7.92
N LEU C 26 -7.28 -3.93 8.35
CA LEU C 26 -7.62 -2.77 9.16
C LEU C 26 -8.63 -1.89 8.41
N ALA C 27 -8.40 -1.71 7.10
CA ALA C 27 -9.26 -0.87 6.26
C ALA C 27 -10.69 -1.36 6.27
N LEU C 28 -10.90 -2.63 5.91
CA LEU C 28 -12.25 -3.21 5.85
C LEU C 28 -12.91 -3.43 7.22
N GLU C 29 -12.17 -3.91 8.20
CA GLU C 29 -12.78 -4.10 9.52
C GLU C 29 -13.26 -2.79 10.11
N SER C 30 -12.55 -1.70 9.86
CA SER C 30 -12.97 -0.41 10.41
C SER C 30 -14.36 -0.02 9.89
N CYS C 31 -14.79 -0.65 8.80
CA CYS C 31 -16.09 -0.40 8.21
C CYS C 31 -17.15 -1.38 8.63
N GLY C 32 -16.75 -2.47 9.30
CA GLY C 32 -17.72 -3.44 9.77
C GLY C 32 -17.72 -4.81 9.14
N ALA C 33 -16.85 -5.07 8.18
CA ALA C 33 -16.79 -6.40 7.54
C ALA C 33 -16.08 -7.43 8.46
N GLU C 34 -15.98 -8.69 8.02
CA GLU C 34 -15.33 -9.74 8.81
C GLU C 34 -14.36 -10.63 8.01
N CYS C 35 -13.16 -10.85 8.56
CA CYS C 35 -12.14 -11.69 7.91
C CYS C 35 -12.28 -13.16 8.29
N VAL C 36 -12.43 -14.02 7.28
CA VAL C 36 -12.62 -15.47 7.47
C VAL C 36 -11.49 -16.38 6.95
N TYR C 37 -10.55 -15.81 6.19
CA TYR C 37 -9.39 -16.55 5.68
C TYR C 37 -8.26 -15.57 5.41
N SER C 38 -7.02 -16.04 5.48
CA SER C 38 -5.84 -15.22 5.21
C SER C 38 -4.73 -16.11 4.67
N ASN C 39 -3.76 -15.55 3.98
CA ASN C 39 -2.70 -16.35 3.38
C ASN C 39 -1.50 -15.46 3.08
N GLU C 40 -0.32 -15.88 3.58
CA GLU C 40 0.96 -15.15 3.42
C GLU C 40 2.06 -16.15 3.82
N TRP C 41 3.07 -16.33 2.97
CA TRP C 41 4.14 -17.28 3.23
C TRP C 41 5.45 -16.83 3.88
N ASP C 42 5.66 -15.52 4.01
CA ASP C 42 6.91 -15.05 4.60
C ASP C 42 6.94 -15.30 6.09
N LYS C 43 7.95 -16.01 6.57
CA LYS C 43 8.07 -16.35 7.99
C LYS C 43 7.80 -15.21 8.99
N TYR C 44 8.40 -14.05 8.75
CA TYR C 44 8.24 -12.93 9.67
C TYR C 44 6.93 -12.16 9.56
N ALA C 45 6.38 -12.07 8.36
CA ALA C 45 5.09 -11.41 8.21
C ALA C 45 4.13 -12.21 9.10
N GLN C 46 4.27 -13.54 9.06
CA GLN C 46 3.44 -14.44 9.87
C GLN C 46 3.53 -14.13 11.38
N GLU C 47 4.69 -13.63 11.82
CA GLU C 47 4.86 -13.29 13.22
C GLU C 47 4.07 -12.03 13.59
N VAL C 48 4.32 -10.90 12.91
CA VAL C 48 3.58 -9.67 13.22
C VAL C 48 2.09 -9.87 13.15
N TYR C 49 1.63 -10.52 12.08
CA TYR C 49 0.22 -10.78 11.90
C TYR C 49 -0.34 -11.44 13.15
N GLU C 50 0.29 -12.53 13.57
CA GLU C 50 -0.14 -13.26 14.77
C GLU C 50 -0.19 -12.38 16.00
N MET C 51 0.86 -11.57 16.15
CA MET C 51 1.01 -10.62 17.26
C MET C 51 -0.15 -9.59 17.32
N ASN C 52 -0.57 -9.08 16.16
CA ASN C 52 -1.62 -8.07 16.14
C ASN C 52 -3.05 -8.58 15.99
N PHE C 53 -3.23 -9.69 15.26
CA PHE C 53 -4.56 -10.23 15.01
C PHE C 53 -4.90 -11.56 15.68
N GLY C 54 -3.90 -12.35 16.07
CA GLY C 54 -4.17 -13.60 16.74
C GLY C 54 -4.51 -14.89 15.98
N GLU C 55 -4.08 -15.00 14.74
CA GLU C 55 -4.30 -16.21 13.94
C GLU C 55 -3.11 -16.27 13.01
N LYS C 56 -2.83 -17.44 12.45
CA LYS C 56 -1.68 -17.61 11.54
C LYS C 56 -2.15 -17.85 10.10
N PRO C 57 -1.69 -17.01 9.17
CA PRO C 57 -2.11 -17.19 7.77
C PRO C 57 -1.58 -18.48 7.16
N GLU C 58 -2.37 -19.09 6.28
CA GLU C 58 -1.95 -20.32 5.60
C GLU C 58 -0.75 -20.00 4.71
N GLY C 59 -0.07 -21.06 4.26
CA GLY C 59 1.11 -20.90 3.39
C GLY C 59 0.86 -20.93 1.88
N ASP C 60 1.96 -20.98 1.12
CA ASP C 60 1.96 -21.00 -0.34
C ASP C 60 0.64 -21.15 -1.11
N ILE C 61 0.20 -20.06 -1.72
CA ILE C 61 -1.03 -20.01 -2.49
C ILE C 61 -1.01 -20.90 -3.72
N THR C 62 0.15 -21.03 -4.38
CA THR C 62 0.24 -21.86 -5.58
C THR C 62 -0.04 -23.35 -5.34
N GLN C 63 -0.10 -23.77 -4.08
CA GLN C 63 -0.40 -25.18 -3.84
C GLN C 63 -1.55 -25.38 -2.87
N VAL C 64 -2.55 -24.54 -3.00
CA VAL C 64 -3.74 -24.62 -2.17
C VAL C 64 -4.89 -24.86 -3.11
N ASN C 65 -5.58 -25.99 -2.94
CA ASN C 65 -6.70 -26.31 -3.79
C ASN C 65 -7.82 -25.29 -3.57
N GLU C 66 -8.21 -24.65 -4.64
CA GLU C 66 -9.24 -23.62 -4.63
C GLU C 66 -10.57 -23.96 -3.97
N LYS C 67 -10.86 -25.24 -3.81
CA LYS C 67 -12.14 -25.64 -3.23
C LYS C 67 -12.20 -25.73 -1.71
N THR C 68 -11.06 -25.51 -1.06
CA THR C 68 -10.99 -25.54 0.40
C THR C 68 -11.47 -24.19 0.96
N ILE C 69 -11.18 -23.14 0.20
CA ILE C 69 -11.49 -21.75 0.57
C ILE C 69 -12.94 -21.51 0.96
N PRO C 70 -13.15 -20.81 2.07
CA PRO C 70 -14.48 -20.48 2.61
C PRO C 70 -15.27 -19.57 1.67
N ASP C 71 -16.59 -19.60 1.76
CA ASP C 71 -17.41 -18.75 0.91
C ASP C 71 -17.22 -17.32 1.41
N HIS C 72 -17.25 -16.34 0.51
CA HIS C 72 -17.02 -14.95 0.89
C HIS C 72 -17.63 -13.98 -0.11
N ASP C 73 -17.61 -12.68 0.22
CA ASP C 73 -18.20 -11.64 -0.64
C ASP C 73 -17.23 -10.67 -1.31
N ILE C 74 -16.01 -10.55 -0.79
CA ILE C 74 -15.03 -9.62 -1.32
C ILE C 74 -13.66 -10.26 -1.23
N LEU C 75 -12.93 -10.28 -2.34
CA LEU C 75 -11.58 -10.84 -2.39
C LEU C 75 -10.59 -9.71 -2.46
N CYS C 76 -9.83 -9.53 -1.38
CA CYS C 76 -8.83 -8.49 -1.28
C CYS C 76 -7.48 -9.08 -1.62
N ALA C 77 -6.75 -8.38 -2.47
CA ALA C 77 -5.45 -8.87 -2.90
C ALA C 77 -4.55 -7.81 -3.51
N GLY C 78 -3.40 -7.60 -2.89
CA GLY C 78 -2.42 -6.66 -3.40
C GLY C 78 -1.21 -7.49 -3.86
N PHE C 79 -1.34 -8.21 -4.98
CA PHE C 79 -0.24 -9.08 -5.50
C PHE C 79 1.13 -8.39 -5.75
N PRO C 80 2.24 -9.16 -5.69
CA PRO C 80 3.64 -8.72 -5.89
C PRO C 80 3.94 -7.76 -7.03
N CYS C 81 4.76 -6.76 -6.74
CA CYS C 81 5.11 -5.73 -7.73
C CYS C 81 6.56 -5.64 -8.26
N GLN C 82 7.47 -6.51 -7.84
CA GLN C 82 8.84 -6.34 -8.35
C GLN C 82 8.97 -6.54 -9.86
N ALA C 83 8.11 -7.37 -10.45
CA ALA C 83 8.21 -7.63 -11.88
C ALA C 83 7.57 -6.55 -12.78
N PHE C 84 6.98 -5.53 -12.16
CA PHE C 84 6.31 -4.48 -12.90
C PHE C 84 6.76 -3.07 -12.52
N SER C 85 7.52 -2.93 -11.43
CA SER C 85 7.99 -1.63 -10.95
C SER C 85 8.96 -0.92 -11.89
N ILE C 86 8.97 0.40 -11.85
CA ILE C 86 9.83 1.16 -12.72
C ILE C 86 11.28 1.14 -12.23
N SER C 87 11.51 0.51 -11.08
CA SER C 87 12.87 0.44 -10.55
C SER C 87 13.53 -0.90 -10.85
N GLY C 88 12.78 -1.82 -11.47
CA GLY C 88 13.29 -3.14 -11.75
C GLY C 88 13.65 -3.44 -13.19
N LYS C 89 13.69 -4.74 -13.51
CA LYS C 89 14.02 -5.22 -14.87
C LYS C 89 12.83 -5.26 -15.82
N GLN C 90 11.62 -5.10 -15.27
CA GLN C 90 10.38 -5.09 -16.05
C GLN C 90 10.07 -6.35 -16.87
N LYS C 91 10.33 -7.52 -16.29
CA LYS C 91 10.10 -8.79 -16.98
C LYS C 91 8.67 -9.29 -17.00
N GLY C 92 7.74 -8.51 -16.50
CA GLY C 92 6.35 -8.91 -16.52
C GLY C 92 6.04 -10.37 -16.23
N PHE C 93 5.22 -10.97 -17.09
CA PHE C 93 4.82 -12.37 -16.94
C PHE C 93 5.91 -13.40 -17.17
N GLU C 94 7.10 -12.97 -17.57
CA GLU C 94 8.24 -13.89 -17.81
C GLU C 94 9.04 -14.09 -16.51
N ASP C 95 8.63 -13.37 -15.46
CA ASP C 95 9.28 -13.43 -14.16
C ASP C 95 8.40 -14.38 -13.32
N SER C 96 9.00 -15.32 -12.60
CA SER C 96 8.23 -16.26 -11.77
C SER C 96 7.53 -15.60 -10.57
N ARG C 97 7.77 -14.30 -10.42
CA ARG C 97 7.15 -13.51 -9.37
C ARG C 97 6.03 -12.72 -10.06
N GLY C 98 5.98 -12.78 -11.39
CA GLY C 98 4.96 -12.06 -12.13
C GLY C 98 3.66 -12.78 -12.49
N THR C 99 3.64 -14.11 -12.37
CA THR C 99 2.45 -14.91 -12.74
C THR C 99 1.34 -15.06 -11.69
N LEU C 100 1.50 -14.44 -10.53
CA LEU C 100 0.50 -14.60 -9.48
C LEU C 100 -0.92 -14.29 -9.92
N PHE C 101 -1.11 -13.21 -10.65
CA PHE C 101 -2.45 -12.85 -11.06
C PHE C 101 -3.36 -14.02 -11.48
N PHE C 102 -2.80 -14.97 -12.21
CA PHE C 102 -3.56 -16.12 -12.68
C PHE C 102 -4.04 -17.07 -11.59
N ASP C 103 -3.49 -16.97 -10.40
CA ASP C 103 -3.92 -17.81 -9.30
C ASP C 103 -5.16 -17.11 -8.72
N ILE C 104 -5.20 -15.80 -8.91
CA ILE C 104 -6.35 -15.02 -8.46
C ILE C 104 -7.52 -15.43 -9.37
N ALA C 105 -7.28 -15.37 -10.68
CA ALA C 105 -8.26 -15.77 -11.68
C ALA C 105 -8.85 -17.15 -11.33
N ARG C 106 -7.96 -18.11 -11.07
CA ARG C 106 -8.32 -19.49 -10.69
C ARG C 106 -9.30 -19.51 -9.52
N ILE C 107 -8.97 -18.78 -8.45
CA ILE C 107 -9.81 -18.73 -7.25
C ILE C 107 -11.15 -18.08 -7.51
N VAL C 108 -11.13 -16.97 -8.25
CA VAL C 108 -12.36 -16.26 -8.59
C VAL C 108 -13.38 -17.18 -9.29
N ARG C 109 -12.94 -17.84 -10.36
CA ARG C 109 -13.82 -18.72 -11.12
C ARG C 109 -14.64 -19.74 -10.32
N GLU C 110 -14.06 -20.25 -9.23
CA GLU C 110 -14.70 -21.25 -8.36
C GLU C 110 -15.62 -20.71 -7.30
N LYS C 111 -15.21 -19.61 -6.66
CA LYS C 111 -16.00 -19.04 -5.58
C LYS C 111 -16.95 -17.91 -5.95
N LYS C 112 -16.80 -17.36 -7.16
CA LYS C 112 -17.64 -16.27 -7.68
C LYS C 112 -18.08 -15.24 -6.62
N PRO C 113 -17.12 -14.51 -6.02
CA PRO C 113 -17.41 -13.50 -4.99
C PRO C 113 -18.09 -12.29 -5.62
N LYS C 114 -18.72 -11.47 -4.79
CA LYS C 114 -19.43 -10.31 -5.27
C LYS C 114 -18.51 -9.21 -5.76
N VAL C 115 -17.37 -9.03 -5.09
CA VAL C 115 -16.39 -8.00 -5.45
C VAL C 115 -14.94 -8.47 -5.39
N VAL C 116 -14.12 -7.94 -6.30
CA VAL C 116 -12.70 -8.24 -6.33
C VAL C 116 -12.11 -6.86 -6.23
N PHE C 117 -11.10 -6.71 -5.36
CA PHE C 117 -10.46 -5.43 -5.04
C PHE C 117 -8.96 -5.68 -4.95
N MET C 118 -8.22 -5.21 -5.97
CA MET C 118 -6.77 -5.37 -6.08
C MET C 118 -6.02 -4.02 -6.11
N GLU C 119 -4.70 -4.06 -5.87
CA GLU C 119 -3.83 -2.85 -5.88
C GLU C 119 -2.45 -3.17 -6.46
N ASN C 120 -1.80 -2.22 -7.15
CA ASN C 120 -0.46 -2.41 -7.70
C ASN C 120 0.21 -1.04 -8.03
N VAL C 121 1.43 -1.03 -8.60
CA VAL C 121 2.12 0.24 -8.88
C VAL C 121 1.73 1.04 -10.14
N LYS C 122 2.02 2.34 -10.11
CA LYS C 122 1.65 3.20 -11.24
C LYS C 122 2.05 2.67 -12.62
N ASN C 123 3.25 2.09 -12.72
CA ASN C 123 3.75 1.57 -13.99
C ASN C 123 3.02 0.31 -14.54
N PHE C 124 2.11 -0.26 -13.75
CA PHE C 124 1.39 -1.45 -14.19
C PHE C 124 0.54 -1.10 -15.39
N ALA C 125 -0.07 0.08 -15.31
CA ALA C 125 -0.95 0.61 -16.36
C ALA C 125 -0.25 1.06 -17.65
N SER C 126 1.07 0.96 -17.70
CA SER C 126 1.82 1.40 -18.89
C SER C 126 2.85 0.38 -19.38
N HIS C 127 3.04 -0.68 -18.60
CA HIS C 127 4.00 -1.74 -18.91
C HIS C 127 3.60 -2.46 -20.19
N ASP C 128 4.61 -2.85 -20.96
CA ASP C 128 4.47 -3.57 -22.25
C ASP C 128 3.51 -2.87 -23.21
N ASN C 129 3.78 -1.60 -23.48
CA ASN C 129 2.93 -0.83 -24.40
C ASN C 129 1.45 -0.99 -24.06
N GLY C 130 1.15 -0.99 -22.77
CA GLY C 130 -0.24 -1.14 -22.32
C GLY C 130 -0.91 -2.50 -22.46
N ASN C 131 -0.20 -3.51 -22.93
CA ASN C 131 -0.78 -4.83 -23.12
C ASN C 131 -1.18 -5.56 -21.85
N THR C 132 -0.35 -5.40 -20.83
CA THR C 132 -0.57 -6.08 -19.56
C THR C 132 -1.93 -5.77 -18.91
N LEU C 133 -2.29 -4.49 -18.90
CA LEU C 133 -3.55 -4.08 -18.30
C LEU C 133 -4.70 -4.69 -19.08
N GLU C 134 -4.61 -4.66 -20.40
CA GLU C 134 -5.68 -5.27 -21.21
C GLU C 134 -5.94 -6.70 -20.78
N VAL C 135 -4.89 -7.50 -20.65
CA VAL C 135 -5.03 -8.89 -20.22
C VAL C 135 -5.84 -9.06 -18.91
N VAL C 136 -5.62 -8.18 -17.93
CA VAL C 136 -6.36 -8.26 -16.66
C VAL C 136 -7.80 -7.85 -16.94
N LYS C 137 -7.97 -6.84 -17.78
CA LYS C 137 -9.30 -6.34 -18.15
C LYS C 137 -10.15 -7.40 -18.83
N ASN C 138 -9.62 -8.01 -19.88
CA ASN C 138 -10.34 -9.02 -20.63
C ASN C 138 -10.65 -10.29 -19.84
N THR C 139 -9.72 -10.73 -18.98
CA THR C 139 -9.95 -11.94 -18.18
C THR C 139 -11.11 -11.71 -17.20
N MET C 140 -11.18 -10.50 -16.66
CA MET C 140 -12.24 -10.17 -15.72
C MET C 140 -13.61 -10.07 -16.42
N ASN C 141 -13.65 -9.52 -17.63
CA ASN C 141 -14.90 -9.41 -18.39
C ASN C 141 -15.41 -10.82 -18.69
N GLU C 142 -14.53 -11.65 -19.23
CA GLU C 142 -14.88 -13.03 -19.56
C GLU C 142 -15.47 -13.83 -18.39
N LEU C 143 -15.02 -13.55 -17.16
CA LEU C 143 -15.53 -14.27 -15.99
C LEU C 143 -16.83 -13.65 -15.48
N ASP C 144 -17.40 -12.73 -16.27
CA ASP C 144 -18.65 -12.02 -15.98
C ASP C 144 -18.59 -10.89 -14.93
N TYR C 145 -17.53 -10.08 -14.98
CA TYR C 145 -17.34 -8.93 -14.06
C TYR C 145 -17.13 -7.64 -14.89
N SER C 146 -17.34 -6.47 -14.27
CA SER C 146 -17.10 -5.20 -14.95
C SER C 146 -15.72 -4.75 -14.44
N PHE C 147 -15.06 -3.79 -15.11
CA PHE C 147 -13.72 -3.41 -14.69
C PHE C 147 -13.56 -1.91 -14.49
N HIS C 148 -13.07 -1.50 -13.32
CA HIS C 148 -12.88 -0.08 -12.97
C HIS C 148 -11.50 0.16 -12.38
N ALA C 149 -10.71 1.02 -13.01
CA ALA C 149 -9.37 1.27 -12.51
C ALA C 149 -8.90 2.72 -12.60
N LYS C 150 -8.14 3.17 -11.61
CA LYS C 150 -7.61 4.52 -11.61
C LYS C 150 -6.30 4.68 -10.78
N VAL C 151 -5.53 5.72 -11.07
CA VAL C 151 -4.27 5.96 -10.37
C VAL C 151 -4.48 7.09 -9.37
N LEU C 152 -4.13 6.84 -8.12
CA LEU C 152 -4.31 7.82 -7.07
C LEU C 152 -3.05 8.18 -6.29
N ASN C 153 -2.73 9.46 -6.26
CA ASN C 153 -1.57 9.90 -5.51
C ASN C 153 -1.99 10.12 -4.05
N ALA C 154 -1.28 9.47 -3.13
CA ALA C 154 -1.59 9.57 -1.72
C ALA C 154 -1.70 10.99 -1.11
N LEU C 155 -0.93 11.96 -1.60
CA LEU C 155 -0.96 13.32 -1.05
C LEU C 155 -2.29 14.07 -1.26
N ASP C 156 -3.17 13.51 -2.08
CA ASP C 156 -4.47 14.11 -2.33
C ASP C 156 -5.50 13.64 -1.31
N TYR C 157 -5.10 12.81 -0.33
CA TYR C 157 -6.05 12.28 0.66
C TYR C 157 -5.56 12.29 2.14
N GLY C 158 -4.82 13.32 2.50
CA GLY C 158 -4.35 13.48 3.86
C GLY C 158 -3.05 12.88 4.35
N ILE C 159 -2.27 12.22 3.51
CA ILE C 159 -1.01 11.61 3.96
C ILE C 159 0.16 12.23 3.19
N PRO C 160 1.13 12.80 3.91
CA PRO C 160 2.28 13.44 3.26
C PRO C 160 3.30 12.52 2.62
N GLN C 161 2.89 11.81 1.58
CA GLN C 161 3.79 10.91 0.86
C GLN C 161 3.45 10.86 -0.64
N LYS C 162 4.49 10.99 -1.45
CA LYS C 162 4.36 10.97 -2.90
C LYS C 162 4.15 9.55 -3.54
N ARG C 163 3.32 8.72 -2.94
CA ARG C 163 3.07 7.35 -3.42
C ARG C 163 1.89 7.16 -4.37
N GLU C 164 2.17 7.02 -5.66
CA GLU C 164 1.14 6.85 -6.69
C GLU C 164 0.87 5.38 -7.01
N ARG C 165 -0.39 4.92 -6.87
CA ARG C 165 -0.75 3.52 -7.14
C ARG C 165 -2.01 3.34 -7.97
N ILE C 166 -2.16 2.19 -8.61
CA ILE C 166 -3.35 1.93 -9.40
C ILE C 166 -4.26 1.03 -8.57
N TYR C 167 -5.54 1.37 -8.47
CA TYR C 167 -6.47 0.55 -7.70
C TYR C 167 -7.49 -0.06 -8.65
N MET C 168 -7.89 -1.30 -8.44
CA MET C 168 -8.83 -1.98 -9.35
C MET C 168 -9.94 -2.69 -8.62
N ILE C 169 -11.16 -2.31 -8.96
CA ILE C 169 -12.38 -2.82 -8.35
C ILE C 169 -13.22 -3.52 -9.42
N CYS C 170 -13.78 -4.68 -9.12
CA CYS C 170 -14.60 -5.41 -10.09
C CYS C 170 -15.85 -6.03 -9.50
N PHE C 171 -17.01 -5.56 -9.93
CA PHE C 171 -18.31 -6.06 -9.47
C PHE C 171 -18.84 -7.16 -10.42
N ARG C 172 -19.57 -8.11 -9.86
CA ARG C 172 -20.15 -9.22 -10.62
C ARG C 172 -21.27 -8.71 -11.50
N ASN C 173 -21.25 -9.15 -12.75
CA ASN C 173 -22.22 -8.71 -13.74
C ASN C 173 -23.71 -8.74 -13.41
N ASP C 174 -24.15 -9.67 -12.56
CA ASP C 174 -25.58 -9.70 -12.27
C ASP C 174 -26.10 -8.77 -11.20
N LEU C 175 -25.19 -8.10 -10.49
CA LEU C 175 -25.60 -7.17 -9.43
C LEU C 175 -26.12 -5.87 -10.07
N ASN C 176 -25.58 -5.59 -11.25
CA ASN C 176 -25.96 -4.43 -12.02
C ASN C 176 -25.62 -3.13 -11.33
N ILE C 177 -24.36 -2.97 -10.88
CA ILE C 177 -23.92 -1.73 -10.19
C ILE C 177 -23.55 -0.67 -11.22
N GLN C 178 -24.28 0.44 -11.26
CA GLN C 178 -24.01 1.52 -12.21
C GLN C 178 -23.58 2.88 -11.63
N ASN C 179 -23.21 2.94 -10.35
CA ASN C 179 -22.83 4.23 -9.77
C ASN C 179 -21.65 4.24 -8.79
N PHE C 180 -20.63 3.44 -9.08
CA PHE C 180 -19.47 3.41 -8.20
C PHE C 180 -18.63 4.59 -8.62
N GLN C 181 -17.89 5.19 -7.68
CA GLN C 181 -17.04 6.32 -8.01
C GLN C 181 -15.87 6.46 -7.06
N PHE C 182 -14.74 6.91 -7.61
CA PHE C 182 -13.52 7.10 -6.84
C PHE C 182 -13.63 8.40 -6.07
N PRO C 183 -13.26 8.39 -4.78
CA PRO C 183 -13.31 9.56 -3.91
C PRO C 183 -12.68 10.82 -4.49
N LYS C 184 -13.19 11.98 -4.08
CA LYS C 184 -12.67 13.26 -4.58
C LYS C 184 -11.54 13.71 -3.65
N PRO C 185 -10.50 14.36 -4.21
CA PRO C 185 -9.31 14.88 -3.51
C PRO C 185 -9.54 16.08 -2.60
N PHE C 186 -8.52 16.39 -1.79
CA PHE C 186 -8.57 17.54 -0.93
C PHE C 186 -7.22 18.13 -0.56
N GLU C 187 -7.24 19.32 0.05
CA GLU C 187 -6.00 20.01 0.44
C GLU C 187 -5.31 19.37 1.64
N LEU C 188 -4.00 19.28 1.53
CA LEU C 188 -3.20 18.68 2.57
C LEU C 188 -3.02 19.67 3.69
N ASN C 189 -3.05 19.18 4.92
CA ASN C 189 -2.88 20.01 6.14
C ASN C 189 -1.94 19.38 7.19
N THR C 190 -1.08 18.46 6.73
CA THR C 190 -0.13 17.76 7.59
C THR C 190 1.14 17.59 6.80
N PHE C 191 2.29 17.72 7.45
CA PHE C 191 3.59 17.56 6.77
C PHE C 191 4.56 16.68 7.52
N VAL C 192 5.63 16.29 6.86
CA VAL C 192 6.61 15.42 7.49
C VAL C 192 6.97 15.86 8.93
N LYS C 193 7.05 17.16 9.15
CA LYS C 193 7.40 17.69 10.46
C LYS C 193 6.35 17.44 11.57
N ASP C 194 5.15 17.03 11.20
CA ASP C 194 4.11 16.81 12.22
C ASP C 194 4.00 15.37 12.72
N LEU C 195 4.89 14.49 12.24
CA LEU C 195 4.86 13.09 12.64
C LEU C 195 6.16 12.58 13.25
N LEU C 196 7.20 13.40 13.23
CA LEU C 196 8.49 13.00 13.80
C LEU C 196 8.47 12.81 15.32
N LEU C 197 9.42 12.01 15.80
CA LEU C 197 9.55 11.74 17.22
C LEU C 197 10.53 12.72 17.88
N PRO C 198 10.63 12.68 19.22
CA PRO C 198 11.56 13.58 19.90
C PRO C 198 13.02 13.20 19.59
N ASP C 199 13.88 14.21 19.57
CA ASP C 199 15.31 14.05 19.28
C ASP C 199 16.02 13.02 20.16
N SER C 200 15.52 12.78 21.37
CA SER C 200 16.17 11.81 22.24
C SER C 200 15.95 10.34 21.86
N GLU C 201 14.98 10.07 20.98
CA GLU C 201 14.68 8.69 20.58
C GLU C 201 15.25 8.29 19.21
N VAL C 202 15.70 9.29 18.47
CA VAL C 202 16.23 9.07 17.14
C VAL C 202 17.74 9.41 17.01
N GLU C 203 18.40 9.67 18.13
CA GLU C 203 19.82 10.02 18.19
C GLU C 203 20.76 9.02 17.51
N HIS C 204 20.38 7.75 17.50
CA HIS C 204 21.23 6.73 16.88
C HIS C 204 21.08 6.64 15.36
N LEU C 205 20.10 7.35 14.83
CA LEU C 205 19.85 7.31 13.40
C LEU C 205 20.58 8.40 12.65
N VAL C 206 21.22 9.30 13.39
CA VAL C 206 21.96 10.39 12.77
C VAL C 206 23.18 9.87 12.02
N ILE C 207 23.60 10.62 11.02
CA ILE C 207 24.74 10.30 10.16
C ILE C 207 25.43 11.59 9.74
N ASP C 208 26.74 11.66 9.99
CA ASP C 208 27.57 12.81 9.61
C ASP C 208 28.47 12.28 8.48
N ARG C 209 28.33 12.87 7.31
CA ARG C 209 29.15 12.47 6.18
C ARG C 209 29.85 13.69 5.62
N LYS C 210 31.09 13.51 5.20
CA LYS C 210 31.83 14.65 4.70
C LYS C 210 31.77 14.89 3.19
N ASP C 211 30.99 14.08 2.47
CA ASP C 211 30.85 14.31 1.04
C ASP C 211 29.46 14.91 0.77
N LEU C 212 28.99 15.64 1.78
CA LEU C 212 27.71 16.35 1.78
C LEU C 212 27.81 17.65 1.00
N VAL C 213 26.93 17.79 0.01
CA VAL C 213 26.89 18.98 -0.82
C VAL C 213 25.50 19.60 -0.63
N MET C 214 25.43 20.91 -0.52
CA MET C 214 24.12 21.58 -0.37
C MET C 214 23.74 22.34 -1.64
N THR C 215 22.64 21.92 -2.27
CA THR C 215 22.18 22.55 -3.51
C THR C 215 21.00 23.51 -3.38
N ASN C 216 20.45 23.63 -2.17
CA ASN C 216 19.32 24.53 -1.93
C ASN C 216 19.26 24.93 -0.48
N GLN C 217 18.55 25.99 -0.21
CA GLN C 217 18.44 26.51 1.13
C GLN C 217 17.16 25.97 1.74
N GLU C 218 17.13 25.82 3.06
CA GLU C 218 15.92 25.35 3.70
C GLU C 218 14.84 26.39 3.40
N ILE C 219 13.67 25.90 3.04
CA ILE C 219 12.55 26.78 2.75
C ILE C 219 11.93 27.28 4.05
N GLU C 220 11.06 28.29 3.94
CA GLU C 220 10.42 28.87 5.11
C GLU C 220 8.90 28.63 5.25
N GLN C 221 8.28 28.08 4.21
CA GLN C 221 6.83 27.80 4.24
C GLN C 221 6.46 26.42 3.67
N THR C 222 5.45 25.79 4.27
CA THR C 222 4.95 24.46 3.86
C THR C 222 4.43 24.34 2.44
N THR C 223 4.66 23.18 1.81
CA THR C 223 4.18 22.90 0.46
C THR C 223 4.00 21.40 0.22
N PRO C 224 3.08 21.04 -0.67
CA PRO C 224 2.85 19.62 -0.98
C PRO C 224 3.64 19.09 -2.18
N LYS C 225 4.96 18.96 -1.99
CA LYS C 225 5.85 18.42 -3.01
C LYS C 225 7.17 18.11 -2.34
N THR C 226 8.00 17.31 -3.00
CA THR C 226 9.30 16.93 -2.44
C THR C 226 10.36 18.01 -2.73
N VAL C 227 11.01 18.50 -1.69
CA VAL C 227 12.03 19.52 -1.85
C VAL C 227 13.42 18.97 -1.54
N ARG C 228 14.24 18.79 -2.57
CA ARG C 228 15.59 18.29 -2.37
C ARG C 228 16.51 19.43 -1.92
N LEU C 229 17.19 19.24 -0.78
CA LEU C 229 18.08 20.25 -0.26
C LEU C 229 19.54 19.91 -0.48
N GLY C 230 19.85 18.61 -0.53
CA GLY C 230 21.23 18.17 -0.72
C GLY C 230 21.47 16.77 -1.31
N ILE C 231 22.73 16.34 -1.30
CA ILE C 231 23.16 15.07 -1.87
C ILE C 231 24.48 14.53 -1.26
N VAL C 232 24.67 13.21 -1.27
CA VAL C 232 25.94 12.63 -0.81
C VAL C 232 26.34 11.63 -1.88
N GLY C 233 27.64 11.36 -1.99
CA GLY C 233 28.11 10.43 -3.00
C GLY C 233 27.74 10.92 -4.39
N LYS C 234 27.13 10.04 -5.19
CA LYS C 234 26.72 10.39 -6.56
C LYS C 234 25.24 10.81 -6.68
N GLY C 235 24.50 10.77 -5.58
CA GLY C 235 23.10 11.16 -5.63
C GLY C 235 22.10 10.16 -6.20
N GLY C 236 22.37 8.87 -6.04
CA GLY C 236 21.45 7.84 -6.52
C GLY C 236 20.48 7.48 -5.39
N GLN C 237 19.64 6.48 -5.61
CA GLN C 237 18.68 6.04 -4.62
C GLN C 237 19.29 5.85 -3.22
N GLY C 238 18.77 6.58 -2.23
CA GLY C 238 19.30 6.49 -0.88
C GLY C 238 20.47 7.43 -0.62
N GLU C 239 20.67 8.42 -1.49
CA GLU C 239 21.77 9.37 -1.35
C GLU C 239 21.30 10.81 -1.53
N ARG C 240 19.99 10.98 -1.56
CA ARG C 240 19.35 12.28 -1.73
C ARG C 240 18.77 12.70 -0.38
N ILE C 241 18.92 13.97 -0.02
CA ILE C 241 18.39 14.51 1.25
C ILE C 241 17.31 15.60 0.97
N TYR C 242 16.13 15.43 1.58
CA TYR C 242 14.99 16.34 1.42
C TYR C 242 14.66 17.06 2.72
N SER C 243 13.74 18.03 2.62
CA SER C 243 13.29 18.81 3.77
C SER C 243 12.09 18.24 4.51
N THR C 244 12.02 18.58 5.80
CA THR C 244 10.93 18.14 6.67
C THR C 244 9.71 19.05 6.60
N ARG C 245 9.75 20.02 5.68
CA ARG C 245 8.68 21.00 5.46
C ARG C 245 7.92 20.68 4.14
N GLY C 246 8.36 19.63 3.46
CA GLY C 246 7.72 19.21 2.22
C GLY C 246 7.10 17.86 2.54
N ILE C 247 7.13 16.91 1.61
CA ILE C 247 6.55 15.59 1.85
C ILE C 247 7.55 14.45 1.60
N ALA C 248 7.26 13.26 2.11
CA ALA C 248 8.17 12.12 1.94
C ALA C 248 8.18 11.50 0.55
N ILE C 249 9.24 10.80 0.24
CA ILE C 249 9.36 10.10 -1.03
C ILE C 249 8.80 8.68 -0.79
N THR C 250 8.64 7.90 -1.84
CA THR C 250 8.14 6.52 -1.71
C THR C 250 9.09 5.59 -0.92
N LEU C 251 8.57 4.98 0.15
CA LEU C 251 9.33 4.03 0.97
C LEU C 251 9.45 2.75 0.11
N SER C 252 10.54 1.99 0.23
CA SER C 252 10.72 0.77 -0.58
C SER C 252 11.19 -0.42 0.23
N ALA C 253 11.12 -1.63 -0.32
CA ALA C 253 11.51 -2.82 0.45
C ALA C 253 12.90 -3.39 0.27
N TYR C 254 13.51 -3.21 -0.88
CA TYR C 254 14.84 -3.76 -1.09
C TYR C 254 15.80 -2.68 -1.47
N GLY C 255 15.50 -1.43 -1.11
CA GLY C 255 16.36 -0.31 -1.46
C GLY C 255 17.80 -0.28 -1.00
N GLY C 256 18.58 0.64 -1.57
CA GLY C 256 19.99 0.75 -1.22
C GLY C 256 20.36 2.10 -0.65
N GLY C 257 21.63 2.49 -0.76
CA GLY C 257 22.04 3.78 -0.27
C GLY C 257 22.26 3.87 1.23
N ILE C 258 23.06 4.84 1.64
CA ILE C 258 23.37 5.01 3.04
C ILE C 258 22.09 5.35 3.84
N PHE C 259 21.11 5.93 3.15
CA PHE C 259 19.82 6.26 3.76
C PHE C 259 18.81 5.28 3.18
N ALA C 260 19.06 4.00 3.38
CA ALA C 260 18.19 2.98 2.82
C ALA C 260 16.70 2.98 3.19
N LYS C 261 15.90 2.51 2.24
CA LYS C 261 14.44 2.34 2.37
C LYS C 261 13.53 3.48 2.79
N THR C 262 14.08 4.60 3.22
CA THR C 262 13.26 5.69 3.72
C THR C 262 13.64 7.06 3.17
N GLY C 263 14.93 7.26 2.94
CA GLY C 263 15.42 8.52 2.43
C GLY C 263 16.08 9.28 3.56
N GLY C 264 16.82 10.34 3.25
CA GLY C 264 17.44 11.16 4.28
C GLY C 264 16.71 12.49 4.46
N TYR C 265 16.65 13.00 5.69
CA TYR C 265 15.96 14.27 5.98
C TYR C 265 16.78 15.19 6.90
N LEU C 266 16.73 16.50 6.66
CA LEU C 266 17.44 17.47 7.49
C LEU C 266 16.54 17.90 8.68
N VAL C 267 16.88 17.46 9.89
CA VAL C 267 16.12 17.77 11.10
C VAL C 267 16.95 18.55 12.14
N ASN C 268 16.51 19.75 12.49
CA ASN C 268 17.20 20.58 13.48
C ASN C 268 18.70 20.69 13.28
N GLY C 269 19.15 20.88 12.04
CA GLY C 269 20.56 21.00 11.77
C GLY C 269 21.34 19.72 11.49
N LYS C 270 20.74 18.56 11.78
CA LYS C 270 21.39 17.26 11.55
C LYS C 270 20.63 16.44 10.46
N THR C 271 21.33 15.51 9.80
CA THR C 271 20.70 14.66 8.77
C THR C 271 20.47 13.25 9.32
N ARG C 272 19.37 12.57 8.94
CA ARG C 272 19.12 11.22 9.46
C ARG C 272 18.03 10.47 8.69
N LYS C 273 17.90 9.15 8.91
CA LYS C 273 16.82 8.41 8.24
C LYS C 273 15.63 8.21 9.21
N LEU C 274 14.51 7.66 8.74
CA LEU C 274 13.35 7.56 9.62
C LEU C 274 13.28 6.36 10.52
N HIS C 275 12.63 6.53 11.66
CA HIS C 275 12.46 5.46 12.63
C HIS C 275 11.30 4.54 12.18
N PRO C 276 11.34 3.24 12.53
CA PRO C 276 10.24 2.35 12.11
C PRO C 276 8.86 2.93 12.40
N ARG C 277 8.70 3.56 13.56
CA ARG C 277 7.43 4.17 13.92
C ARG C 277 7.09 5.36 13.01
N GLU C 278 8.06 6.23 12.73
CA GLU C 278 7.76 7.34 11.85
C GLU C 278 7.37 6.78 10.47
N CYS C 279 7.82 5.56 10.12
CA CYS C 279 7.46 4.90 8.85
C CYS C 279 6.00 4.48 8.96
N ALA C 280 5.64 3.84 10.08
CA ALA C 280 4.25 3.42 10.33
C ALA C 280 3.31 4.61 10.16
N ARG C 281 3.75 5.76 10.62
CA ARG C 281 2.92 6.94 10.51
C ARG C 281 2.71 7.50 9.10
N VAL C 282 3.74 7.51 8.24
CA VAL C 282 3.56 8.04 6.86
C VAL C 282 2.80 7.06 5.98
N MET C 283 2.49 5.89 6.53
CA MET C 283 1.72 4.87 5.82
C MET C 283 0.29 4.90 6.42
N GLY C 284 0.09 5.81 7.35
CA GLY C 284 -1.20 5.96 7.97
C GLY C 284 -1.56 4.92 8.99
N TYR C 285 -0.57 4.26 9.60
CA TYR C 285 -0.86 3.25 10.62
C TYR C 285 -0.98 3.89 12.03
N PRO C 286 -1.85 3.34 12.89
CA PRO C 286 -2.08 3.82 14.26
C PRO C 286 -0.98 3.48 15.26
N ASP C 287 -0.72 4.39 16.20
CA ASP C 287 0.32 4.18 17.20
C ASP C 287 0.14 2.92 18.06
N SER C 288 -1.01 2.26 17.96
CA SER C 288 -1.24 1.06 18.75
C SER C 288 -0.78 -0.24 18.07
N TYR C 289 -0.40 -0.16 16.80
CA TYR C 289 0.06 -1.31 16.04
C TYR C 289 1.46 -1.72 16.49
N LYS C 290 1.58 -2.89 17.09
CA LYS C 290 2.89 -3.39 17.54
C LYS C 290 3.74 -3.73 16.31
N VAL C 291 4.95 -3.17 16.19
CA VAL C 291 5.83 -3.48 15.05
C VAL C 291 6.79 -4.62 15.39
N HIS C 292 7.43 -5.17 14.38
CA HIS C 292 8.36 -6.27 14.59
C HIS C 292 9.65 -5.87 15.35
N PRO C 293 10.10 -6.70 16.32
CA PRO C 293 11.29 -6.45 17.12
C PRO C 293 12.58 -6.25 16.32
N SER C 294 12.66 -6.87 15.14
CA SER C 294 13.84 -6.71 14.29
C SER C 294 13.68 -5.52 13.35
N THR C 295 14.34 -4.44 13.68
CA THR C 295 14.28 -3.23 12.90
C THR C 295 14.40 -3.47 11.38
N SER C 296 15.37 -4.29 10.99
CA SER C 296 15.60 -4.56 9.58
C SER C 296 14.35 -5.09 8.86
N GLN C 297 13.72 -6.12 9.42
CA GLN C 297 12.54 -6.70 8.81
C GLN C 297 11.38 -5.71 8.80
N ALA C 298 11.31 -4.89 9.84
CA ALA C 298 10.26 -3.89 9.96
C ALA C 298 10.28 -2.86 8.79
N TYR C 299 11.47 -2.43 8.38
CA TYR C 299 11.61 -1.47 7.28
C TYR C 299 11.08 -2.08 5.99
N LYS C 300 11.51 -3.31 5.70
CA LYS C 300 11.08 -4.05 4.51
C LYS C 300 9.53 -4.24 4.49
N GLN C 301 8.95 -4.59 5.63
CA GLN C 301 7.52 -4.79 5.69
C GLN C 301 6.77 -3.50 5.36
N PHE C 302 7.20 -2.37 5.89
CA PHE C 302 6.50 -1.16 5.55
C PHE C 302 6.65 -0.77 4.08
N GLY C 303 7.84 -0.92 3.51
CA GLY C 303 8.06 -0.58 2.12
C GLY C 303 7.23 -1.40 1.14
N ASN C 304 6.69 -2.52 1.61
CA ASN C 304 5.89 -3.40 0.77
C ASN C 304 4.39 -3.19 0.87
N SER C 305 3.95 -2.51 1.93
CA SER C 305 2.54 -2.28 2.21
C SER C 305 1.75 -1.21 1.44
N VAL C 306 0.53 -0.98 1.92
CA VAL C 306 -0.42 -0.02 1.33
C VAL C 306 -0.74 1.07 2.33
N VAL C 307 -1.21 2.22 1.84
CA VAL C 307 -1.60 3.31 2.74
C VAL C 307 -3.02 2.99 3.28
N ILE C 308 -3.26 3.18 4.57
CA ILE C 308 -4.57 2.83 5.12
C ILE C 308 -5.70 3.73 4.72
N ASN C 309 -5.46 5.04 4.87
CA ASN C 309 -6.43 6.06 4.56
C ASN C 309 -7.09 5.94 3.18
N VAL C 310 -6.32 5.72 2.10
CA VAL C 310 -6.91 5.61 0.74
C VAL C 310 -7.80 4.37 0.64
N LEU C 311 -7.35 3.29 1.25
CA LEU C 311 -8.13 2.06 1.22
C LEU C 311 -9.46 2.26 1.93
N GLN C 312 -9.48 3.10 2.96
CA GLN C 312 -10.71 3.38 3.69
C GLN C 312 -11.74 4.11 2.84
N TYR C 313 -11.41 5.31 2.34
CA TYR C 313 -12.35 6.05 1.50
C TYR C 313 -12.91 5.12 0.39
N ILE C 314 -12.07 4.43 -0.37
CA ILE C 314 -12.58 3.53 -1.42
C ILE C 314 -13.49 2.43 -0.86
N ALA C 315 -13.18 1.94 0.34
CA ALA C 315 -13.99 0.88 0.92
C ALA C 315 -15.44 1.35 1.16
N TYR C 316 -15.58 2.56 1.69
CA TYR C 316 -16.87 3.19 1.98
C TYR C 316 -17.70 3.30 0.71
N ASN C 317 -17.09 3.87 -0.33
CA ASN C 317 -17.79 4.02 -1.61
C ASN C 317 -18.32 2.70 -2.16
N ILE C 318 -17.60 1.61 -1.92
CA ILE C 318 -18.03 0.29 -2.37
C ILE C 318 -19.33 -0.09 -1.65
N GLY C 319 -19.34 -0.02 -0.33
CA GLY C 319 -20.54 -0.36 0.41
C GLY C 319 -21.74 0.52 0.04
N SER C 320 -21.52 1.82 -0.14
CA SER C 320 -22.61 2.69 -0.51
C SER C 320 -23.32 2.20 -1.77
N SER C 321 -22.55 1.81 -2.79
CA SER C 321 -23.10 1.30 -4.05
C SER C 321 -23.84 -0.02 -3.93
N LEU C 322 -23.44 -0.87 -3.00
CA LEU C 322 -24.09 -2.16 -2.81
C LEU C 322 -25.38 -1.96 -1.99
N ASN C 323 -25.44 -0.85 -1.24
CA ASN C 323 -26.58 -0.59 -0.40
C ASN C 323 -27.73 0.19 -1.03
N PHE C 324 -27.56 0.65 -2.26
CA PHE C 324 -28.58 1.40 -2.99
C PHE C 324 -29.42 0.46 -3.88
N LYS C 325 -30.53 -0.02 -3.33
CA LYS C 325 -31.39 -0.94 -4.07
C LYS C 325 -32.85 -0.59 -3.85
N PRO C 326 -33.30 0.52 -4.48
CA PRO C 326 -34.65 1.08 -4.44
C PRO C 326 -35.64 0.22 -5.21
N TYR C 327 -36.93 0.46 -4.98
CA TYR C 327 -38.01 -0.26 -5.64
C TYR C 327 -38.26 0.34 -7.01
N SAH D . -0.75 -5.65 1.04
CA SAH D . 0.17 -6.19 2.02
CB SAH D . 1.57 -6.30 1.41
CG SAH D . 1.60 -7.00 0.07
SD SAH D . 3.15 -7.30 -0.83
C SAH D . 0.14 -5.16 3.14
O SAH D . -1.02 -4.79 3.59
OXT SAH D . 1.08 -5.17 4.00
C5' SAH D . 2.99 -9.09 -1.24
C4' SAH D . 3.25 -10.30 -0.23
O4' SAH D . 3.14 -11.57 -0.88
C3' SAH D . 4.72 -10.38 0.38
O3' SAH D . 4.56 -10.31 1.81
C2' SAH D . 5.21 -11.74 -0.11
O2' SAH D . 6.08 -12.28 0.91
C1' SAH D . 3.94 -12.50 -0.24
N9 SAH D . 3.95 -13.62 -1.19
C8 SAH D . 4.71 -13.71 -2.37
N7 SAH D . 4.54 -14.79 -3.08
C5 SAH D . 3.61 -15.50 -2.33
C6 SAH D . 3.10 -16.78 -2.54
N6 SAH D . 3.54 -17.42 -3.61
N1 SAH D . 2.23 -17.34 -1.64
C2 SAH D . 1.94 -16.55 -0.58
N3 SAH D . 2.35 -15.31 -0.22
C4 SAH D . 3.21 -14.83 -1.17
#